data_7EQT
#
_entry.id   7EQT
#
_cell.length_a   63.628
_cell.length_b   101.048
_cell.length_c   104.128
_cell.angle_alpha   90.000
_cell.angle_beta   90.000
_cell.angle_gamma   90.000
#
_symmetry.space_group_name_H-M   'P 21 21 21'
#
loop_
_entity.id
_entity.type
_entity.pdbx_description
1 polymer 'Capsid protein'
2 branched alpha-D-galactopyranose-(1-3)-beta-D-galactopyranose-(1-4)-beta-D-glucopyranose
3 water water
#
_entity_poly.entity_id   1
_entity_poly.type   'polypeptide(L)'
_entity_poly.pdbx_seq_one_letter_code
;GPLGSPEFQKTKPFSVPNLPLNTLSNSRVPSLINAMMISRDHGQMVQFQNGRVTLDGQLQGTTPTSLSQLCKIRGKVFHA
SGGNGLNLTELDGSAYHAFESPAPIGFPDIGDCDWHMSATATNNFTGSSNEYQILIKQESAFAPHLGHVQADNLSAGANT
DLIVSLSWISPVSDQHRHDVDPWVIPRYGSSLTEAAQLAPPIYPPGFGEAIVFFMSDFPVVSGVNGMRIPCTLPQEYVAH
FVNEQAPTRGEAALLHYVDPDTHRNLGEFKMYPEGFMTCVPNSSGSGPQTLPINGVFTFVSWVSRFYQLKPVGTAGPARR
LGIRRS
;
_entity_poly.pdbx_strand_id   A,B
#
# COMPACT_ATOMS: atom_id res chain seq x y z
N LYS A 12 9.91 0.71 -24.91
CA LYS A 12 8.84 -0.04 -24.20
C LYS A 12 7.48 0.22 -24.86
N PRO A 13 6.73 -0.82 -25.27
CA PRO A 13 5.38 -0.61 -25.76
C PRO A 13 4.50 -0.26 -24.54
N PHE A 14 3.49 0.59 -24.76
CA PHE A 14 2.57 0.92 -23.65
C PHE A 14 1.71 -0.27 -23.25
N SER A 15 1.55 -0.46 -21.95
CA SER A 15 0.70 -1.54 -21.44
C SER A 15 0.05 -1.10 -20.13
N VAL A 16 -1.02 -1.79 -19.77
CA VAL A 16 -1.64 -1.56 -18.44
C VAL A 16 -1.48 -2.89 -17.67
N PRO A 17 -1.40 -2.94 -16.31
CA PRO A 17 -1.26 -4.21 -15.62
C PRO A 17 -2.39 -5.19 -16.00
N ASN A 18 -1.99 -6.45 -16.22
CA ASN A 18 -2.87 -7.65 -16.38
C ASN A 18 -3.19 -8.20 -15.00
N LEU A 19 -3.81 -7.37 -14.16
CA LEU A 19 -4.21 -7.71 -12.76
C LEU A 19 -5.69 -7.41 -12.64
N PRO A 20 -6.50 -8.33 -12.09
CA PRO A 20 -7.93 -8.09 -11.91
C PRO A 20 -8.15 -6.86 -11.02
N LEU A 21 -9.11 -6.01 -11.41
CA LEU A 21 -9.35 -4.69 -10.79
C LEU A 21 -9.59 -4.83 -9.28
N ASN A 22 -10.29 -5.88 -8.85
CA ASN A 22 -10.71 -6.05 -7.44
C ASN A 22 -9.55 -6.59 -6.58
N THR A 23 -8.37 -6.85 -7.16
CA THR A 23 -7.15 -7.21 -6.41
C THR A 23 -6.25 -5.97 -6.20
N LEU A 24 -6.67 -4.81 -6.71
CA LEU A 24 -5.86 -3.55 -6.72
C LEU A 24 -6.42 -2.53 -5.73
N SER A 25 -5.62 -1.52 -5.39
CA SER A 25 -5.92 -0.49 -4.37
C SER A 25 -6.41 0.80 -5.05
N ASN A 26 -7.29 1.51 -4.33
CA ASN A 26 -7.50 2.98 -4.47
C ASN A 26 -6.14 3.66 -4.41
N SER A 27 -5.99 4.80 -5.08
CA SER A 27 -4.76 5.63 -5.06
C SER A 27 -4.95 6.86 -4.16
N ARG A 28 -6.11 7.03 -3.51
CA ARG A 28 -6.36 8.17 -2.59
C ARG A 28 -6.51 7.69 -1.14
N VAL A 29 -6.89 6.42 -0.93
CA VAL A 29 -6.87 5.73 0.41
C VAL A 29 -6.38 4.31 0.22
N PRO A 30 -5.70 3.71 1.23
CA PRO A 30 -5.23 2.32 1.14
C PRO A 30 -6.37 1.32 1.36
N SER A 31 -7.17 1.08 0.32
CA SER A 31 -8.37 0.20 0.34
C SER A 31 -8.59 -0.42 -1.05
N LEU A 32 -8.97 -1.69 -1.08
CA LEU A 32 -9.28 -2.43 -2.32
C LEU A 32 -10.38 -1.69 -3.10
N ILE A 33 -10.21 -1.60 -4.42
CA ILE A 33 -11.27 -1.16 -5.37
C ILE A 33 -12.39 -2.20 -5.31
N ASN A 34 -13.63 -1.76 -5.11
CA ASN A 34 -14.81 -2.67 -5.07
C ASN A 34 -15.89 -2.17 -6.05
N ALA A 35 -15.64 -1.11 -6.82
CA ALA A 35 -16.65 -0.58 -7.78
C ALA A 35 -16.01 0.42 -8.75
N MET A 36 -16.65 0.57 -9.90
CA MET A 36 -16.41 1.68 -10.85
C MET A 36 -17.70 2.52 -10.88
N MET A 37 -17.57 3.82 -11.07
CA MET A 37 -18.75 4.71 -11.21
C MET A 37 -18.37 5.90 -12.10
N ILE A 38 -19.38 6.49 -12.70
CA ILE A 38 -19.31 7.84 -13.33
C ILE A 38 -20.19 8.76 -12.47
N SER A 39 -19.92 10.05 -12.51
CA SER A 39 -20.74 11.06 -11.79
C SER A 39 -20.80 12.31 -12.67
N ARG A 40 -21.97 12.61 -13.21
CA ARG A 40 -22.12 13.88 -13.96
C ARG A 40 -21.88 15.04 -12.97
N ASP A 41 -22.41 14.97 -11.76
CA ASP A 41 -22.28 16.10 -10.81
C ASP A 41 -20.84 16.34 -10.39
N HIS A 42 -20.10 15.28 -10.08
CA HIS A 42 -18.74 15.40 -9.47
C HIS A 42 -17.64 15.19 -10.52
N GLY A 43 -17.98 14.75 -11.74
CA GLY A 43 -17.00 14.28 -12.73
C GLY A 43 -16.73 15.27 -13.86
N GLN A 44 -17.16 16.54 -13.74
CA GLN A 44 -16.99 17.55 -14.81
C GLN A 44 -15.58 18.11 -14.75
N MET A 45 -15.02 18.11 -13.53
CA MET A 45 -13.61 18.51 -13.30
C MET A 45 -13.16 17.90 -11.97
N VAL A 46 -12.01 17.24 -11.94
CA VAL A 46 -11.43 16.75 -10.67
C VAL A 46 -9.95 17.17 -10.66
N GLN A 47 -9.38 17.38 -9.48
CA GLN A 47 -7.96 17.80 -9.34
C GLN A 47 -7.34 17.04 -8.17
N PHE A 48 -7.60 15.74 -8.11
CA PHE A 48 -6.95 14.87 -7.09
C PHE A 48 -5.43 15.08 -7.21
N GLN A 49 -4.72 15.04 -6.08
CA GLN A 49 -3.25 15.22 -6.01
C GLN A 49 -2.56 13.86 -5.85
N ASN A 50 -3.31 12.83 -5.44
CA ASN A 50 -2.83 11.42 -5.34
C ASN A 50 -3.45 10.58 -6.47
N GLY A 51 -2.81 9.48 -6.84
CA GLY A 51 -3.15 8.67 -8.02
C GLY A 51 -2.95 9.45 -9.31
N ARG A 52 -2.05 10.44 -9.30
CA ARG A 52 -1.79 11.30 -10.49
C ARG A 52 -0.43 10.94 -11.08
N VAL A 53 -0.45 10.53 -12.35
CA VAL A 53 0.77 10.13 -13.13
C VAL A 53 0.39 10.15 -14.62
N THR A 54 1.36 10.47 -15.49
CA THR A 54 1.20 10.41 -16.96
C THR A 54 1.31 8.95 -17.41
N LEU A 55 0.79 8.63 -18.59
CA LEU A 55 0.90 7.27 -19.18
C LEU A 55 2.38 6.95 -19.42
N ASP A 56 3.25 7.95 -19.59
CA ASP A 56 4.72 7.75 -19.79
C ASP A 56 5.47 7.79 -18.45
N GLY A 57 4.76 7.72 -17.31
CA GLY A 57 5.42 7.52 -16.00
C GLY A 57 5.94 8.73 -15.25
N GLN A 58 5.29 9.87 -15.39
CA GLN A 58 5.69 11.10 -14.70
C GLN A 58 4.74 11.36 -13.54
N LEU A 59 5.22 11.13 -12.33
CA LEU A 59 4.43 11.38 -11.10
C LEU A 59 4.03 12.86 -10.99
N GLN A 60 2.84 13.12 -10.44
CA GLN A 60 2.33 14.51 -10.28
C GLN A 60 1.67 14.66 -8.90
N GLY A 61 1.43 15.90 -8.49
CA GLY A 61 0.87 16.24 -7.17
C GLY A 61 1.75 15.69 -6.07
N THR A 62 1.17 14.89 -5.18
CA THR A 62 1.82 14.30 -3.99
C THR A 62 1.88 12.77 -4.16
N THR A 63 1.70 12.29 -5.40
CA THR A 63 1.47 10.86 -5.70
C THR A 63 2.72 10.06 -5.38
N PRO A 64 2.62 9.01 -4.52
CA PRO A 64 3.70 8.06 -4.32
C PRO A 64 3.67 6.92 -5.34
N THR A 65 4.83 6.25 -5.50
CA THR A 65 4.94 4.97 -6.22
C THR A 65 4.22 3.88 -5.41
N SER A 66 4.45 3.86 -4.10
CA SER A 66 4.01 2.79 -3.18
C SER A 66 2.83 3.26 -2.33
N LEU A 67 1.87 2.37 -2.13
CA LEU A 67 0.72 2.56 -1.19
C LEU A 67 1.26 2.76 0.23
N SER A 68 2.47 2.28 0.54
CA SER A 68 3.09 2.41 1.90
C SER A 68 3.23 3.89 2.28
N GLN A 69 3.20 4.79 1.30
CA GLN A 69 3.40 6.25 1.51
C GLN A 69 2.05 6.98 1.50
N LEU A 70 0.98 6.33 1.03
CA LEU A 70 -0.33 6.99 0.81
C LEU A 70 -1.03 7.23 2.14
N CYS A 71 -1.66 8.41 2.29
CA CYS A 71 -2.41 8.87 3.48
C CYS A 71 -1.53 8.75 4.73
N LYS A 72 -0.26 9.09 4.60
CA LYS A 72 0.73 9.10 5.71
C LYS A 72 1.23 10.53 5.87
N ILE A 73 1.55 10.90 7.11
CA ILE A 73 2.22 12.19 7.43
C ILE A 73 3.39 11.86 8.35
N ARG A 74 4.52 12.54 8.19
CA ARG A 74 5.65 12.46 9.13
C ARG A 74 6.08 13.89 9.48
N GLY A 75 6.44 14.10 10.74
CA GLY A 75 6.86 15.42 11.24
C GLY A 75 7.44 15.35 12.63
N LYS A 76 8.06 16.45 13.05
CA LYS A 76 8.51 16.69 14.43
C LYS A 76 7.41 17.49 15.14
N VAL A 77 7.02 17.03 16.32
CA VAL A 77 5.96 17.67 17.15
C VAL A 77 6.47 19.05 17.60
N PHE A 78 5.63 20.06 17.47
CA PHE A 78 5.83 21.39 18.11
C PHE A 78 4.66 21.63 19.07
N HIS A 79 4.94 22.33 20.17
CA HIS A 79 3.96 22.93 21.11
C HIS A 79 4.07 24.44 20.96
N ALA A 80 3.01 25.11 20.53
CA ALA A 80 2.95 26.59 20.43
C ALA A 80 1.71 27.08 21.19
N SER A 81 1.60 28.39 21.40
CA SER A 81 0.46 29.07 22.07
C SER A 81 -0.85 28.67 21.39
N GLY A 82 -0.88 28.73 20.06
CA GLY A 82 -2.05 28.45 19.20
C GLY A 82 -2.42 26.98 19.14
N GLY A 83 -1.52 26.07 19.54
CA GLY A 83 -1.81 24.62 19.60
C GLY A 83 -0.58 23.79 19.30
N ASN A 84 -0.70 22.47 19.42
CA ASN A 84 0.36 21.50 19.07
C ASN A 84 0.21 21.13 17.58
N GLY A 85 1.26 20.60 16.97
CA GLY A 85 1.22 20.23 15.54
C GLY A 85 2.50 19.57 15.10
N LEU A 86 2.66 19.44 13.78
CA LEU A 86 3.84 18.78 13.16
C LEU A 86 4.52 19.75 12.21
N ASN A 87 5.82 19.93 12.37
CA ASN A 87 6.75 20.42 11.32
C ASN A 87 7.03 19.24 10.40
N LEU A 88 6.53 19.30 9.15
CA LEU A 88 6.46 18.13 8.25
C LEU A 88 7.86 17.77 7.73
N THR A 89 8.09 16.46 7.56
CA THR A 89 9.19 15.87 6.77
C THR A 89 8.55 14.94 5.72
N GLU A 90 9.36 14.45 4.77
CA GLU A 90 8.96 13.31 3.91
C GLU A 90 8.87 12.09 4.82
N LEU A 91 8.17 11.05 4.39
CA LEU A 91 7.91 9.83 5.21
C LEU A 91 9.24 9.13 5.55
N ASP A 92 10.29 9.24 4.73
CA ASP A 92 11.62 8.62 5.00
C ASP A 92 12.45 9.48 5.95
N GLY A 93 11.89 10.60 6.44
CA GLY A 93 12.53 11.47 7.44
C GLY A 93 13.31 12.60 6.79
N SER A 94 13.58 12.51 5.48
CA SER A 94 14.29 13.55 4.70
C SER A 94 13.45 14.84 4.68
N ALA A 95 14.11 15.97 4.43
CA ALA A 95 13.55 17.33 4.58
C ALA A 95 12.43 17.54 3.56
N TYR A 96 11.27 18.04 4.00
CA TYR A 96 10.21 18.56 3.10
C TYR A 96 10.59 20.00 2.71
N HIS A 97 10.68 20.25 1.40
CA HIS A 97 10.98 21.59 0.83
C HIS A 97 9.66 22.35 0.65
N ALA A 98 9.38 23.28 1.57
CA ALA A 98 8.16 24.12 1.58
C ALA A 98 8.12 24.96 0.30
N PHE A 99 6.92 25.31 -0.15
CA PHE A 99 6.65 26.26 -1.26
C PHE A 99 7.05 25.63 -2.61
N GLU A 100 7.14 24.28 -2.67
CA GLU A 100 7.45 23.52 -3.91
C GLU A 100 6.30 22.56 -4.19
N SER A 101 6.40 21.28 -3.80
CA SER A 101 5.27 20.31 -3.92
C SER A 101 4.10 20.82 -3.08
N PRO A 102 2.84 20.46 -3.41
CA PRO A 102 1.69 20.91 -2.61
C PRO A 102 1.83 20.53 -1.13
N ALA A 103 2.40 19.35 -0.88
CA ALA A 103 2.61 18.74 0.44
C ALA A 103 3.68 17.68 0.32
N PRO A 104 4.13 17.03 1.43
CA PRO A 104 5.01 15.88 1.33
C PRO A 104 4.35 14.77 0.49
N ILE A 105 5.15 13.89 -0.10
CA ILE A 105 4.64 12.76 -0.93
C ILE A 105 3.74 11.89 -0.04
N GLY A 106 2.56 11.53 -0.54
CA GLY A 106 1.59 10.64 0.14
C GLY A 106 0.65 11.38 1.07
N PHE A 107 0.86 12.68 1.32
CA PHE A 107 -0.02 13.53 2.16
C PHE A 107 -1.46 13.37 1.66
N PRO A 108 -2.46 13.11 2.54
CA PRO A 108 -3.85 12.91 2.09
C PRO A 108 -4.35 14.11 1.27
N ASP A 109 -5.20 13.85 0.26
CA ASP A 109 -5.71 14.90 -0.66
C ASP A 109 -7.24 14.96 -0.56
N ILE A 110 -7.82 14.60 0.58
CA ILE A 110 -9.29 14.67 0.81
C ILE A 110 -9.57 15.95 1.59
N GLY A 111 -10.12 16.96 0.90
CA GLY A 111 -10.23 18.33 1.42
C GLY A 111 -11.47 18.56 2.25
N ASP A 112 -11.48 19.67 2.99
CA ASP A 112 -12.70 20.27 3.59
C ASP A 112 -13.40 19.24 4.49
N CYS A 113 -12.63 18.58 5.36
CA CYS A 113 -13.12 17.59 6.36
C CYS A 113 -12.08 17.41 7.47
N ASP A 114 -12.48 16.77 8.58
CA ASP A 114 -11.60 16.41 9.71
C ASP A 114 -10.91 15.08 9.38
N TRP A 115 -9.60 14.99 9.61
CA TRP A 115 -8.81 13.72 9.55
C TRP A 115 -8.57 13.22 10.97
N HIS A 116 -9.20 12.12 11.35
CA HIS A 116 -8.84 11.33 12.56
C HIS A 116 -7.70 10.39 12.16
N MET A 117 -6.56 10.49 12.84
CA MET A 117 -5.30 9.81 12.44
C MET A 117 -4.67 9.14 13.67
N SER A 118 -3.79 8.18 13.38
CA SER A 118 -3.01 7.41 14.39
C SER A 118 -1.52 7.67 14.15
N ALA A 119 -0.81 8.13 15.18
CA ALA A 119 0.63 8.48 15.13
C ALA A 119 1.42 7.53 16.03
N THR A 120 2.62 7.13 15.60
CA THR A 120 3.55 6.30 16.39
C THR A 120 4.91 6.97 16.42
N ALA A 121 5.59 6.92 17.57
CA ALA A 121 6.97 7.40 17.76
C ALA A 121 7.90 6.55 16.88
N THR A 122 8.74 7.19 16.08
CA THR A 122 9.71 6.52 15.17
C THR A 122 10.97 6.13 15.95
N ASN A 123 11.14 6.68 17.16
CA ASN A 123 12.32 6.44 18.04
C ASN A 123 11.86 5.82 19.36
N ASN A 124 12.48 4.72 19.78
CA ASN A 124 12.27 4.06 21.10
C ASN A 124 10.77 3.91 21.38
N PHE A 125 10.05 3.22 20.49
CA PHE A 125 8.61 2.94 20.63
C PHE A 125 8.43 1.97 21.81
N THR A 126 7.72 2.38 22.86
CA THR A 126 7.63 1.63 24.15
C THR A 126 6.26 0.96 24.30
N GLY A 127 5.27 1.34 23.49
CA GLY A 127 3.91 0.78 23.53
C GLY A 127 2.85 1.85 23.39
N SER A 128 1.70 1.66 24.05
CA SER A 128 0.45 2.44 23.83
C SER A 128 0.65 3.92 24.17
N SER A 129 1.60 4.25 25.06
CA SER A 129 1.96 5.65 25.41
C SER A 129 2.72 6.31 24.25
N ASN A 130 3.19 5.55 23.26
CA ASN A 130 3.89 6.08 22.05
C ASN A 130 2.99 5.96 20.83
N GLU A 131 1.69 5.71 21.03
CA GLU A 131 0.62 5.76 20.00
C GLU A 131 -0.34 6.89 20.37
N TYR A 132 -0.64 7.79 19.43
CA TYR A 132 -1.43 9.01 19.65
C TYR A 132 -2.58 9.07 18.64
N GLN A 133 -3.82 9.02 19.13
CA GLN A 133 -5.02 9.27 18.31
C GLN A 133 -5.19 10.79 18.20
N ILE A 134 -4.99 11.33 17.01
CA ILE A 134 -5.00 12.81 16.84
C ILE A 134 -6.05 13.25 15.83
N LEU A 135 -6.36 14.53 15.84
CA LEU A 135 -7.35 15.11 14.91
C LEU A 135 -6.70 16.26 14.14
N ILE A 136 -6.68 16.15 12.82
CA ILE A 136 -6.16 17.25 11.98
C ILE A 136 -7.35 17.95 11.34
N LYS A 137 -7.56 19.20 11.69
CA LYS A 137 -8.65 19.98 11.09
C LYS A 137 -8.10 20.79 9.92
N GLN A 138 -8.96 21.10 8.96
CA GLN A 138 -8.54 21.91 7.80
C GLN A 138 -8.95 23.36 8.07
N GLU A 139 -8.36 23.95 9.10
CA GLU A 139 -8.65 25.35 9.47
C GLU A 139 -7.41 26.22 9.16
N SER A 140 -7.31 27.41 9.77
CA SER A 140 -6.22 28.40 9.50
C SER A 140 -4.84 27.73 9.55
N ALA A 141 -4.57 26.92 10.57
CA ALA A 141 -3.22 26.40 10.91
C ALA A 141 -2.90 25.12 10.10
N PHE A 142 -3.79 24.71 9.20
CA PHE A 142 -3.53 23.64 8.21
C PHE A 142 -2.77 24.26 7.03
N ALA A 143 -1.44 24.13 7.04
CA ALA A 143 -0.56 24.83 6.07
C ALA A 143 0.54 23.87 5.61
N PRO A 144 0.19 22.66 5.11
CA PRO A 144 1.19 21.67 4.74
C PRO A 144 2.18 22.19 3.68
N HIS A 145 1.70 23.07 2.80
CA HIS A 145 2.53 23.71 1.75
C HIS A 145 3.63 24.58 2.40
N LEU A 146 3.35 25.18 3.56
CA LEU A 146 4.33 26.03 4.31
C LEU A 146 5.18 25.13 5.23
N GLY A 147 4.79 23.87 5.40
CA GLY A 147 5.59 22.83 6.08
C GLY A 147 5.10 22.50 7.48
N HIS A 148 3.87 22.89 7.84
CA HIS A 148 3.33 22.65 9.20
C HIS A 148 1.81 22.50 9.17
N VAL A 149 1.29 21.60 10.03
CA VAL A 149 -0.17 21.47 10.32
C VAL A 149 -0.35 21.45 11.83
N GLN A 150 -1.48 21.97 12.30
CA GLN A 150 -1.89 21.88 13.72
C GLN A 150 -2.61 20.55 13.91
N ALA A 151 -2.33 19.85 15.01
CA ALA A 151 -3.00 18.59 15.40
C ALA A 151 -3.63 18.78 16.78
N ASP A 152 -4.93 18.49 16.90
CA ASP A 152 -5.67 18.48 18.18
C ASP A 152 -5.47 17.11 18.85
N ASN A 153 -5.49 17.11 20.18
CA ASN A 153 -5.39 15.90 21.05
C ASN A 153 -4.04 15.21 20.81
N LEU A 154 -3.00 15.99 20.50
CA LEU A 154 -1.61 15.50 20.32
C LEU A 154 -0.82 15.77 21.61
N SER A 155 -0.45 14.71 22.34
CA SER A 155 0.19 14.79 23.68
C SER A 155 1.69 14.44 23.61
N ALA A 156 2.20 14.04 22.44
CA ALA A 156 3.64 13.71 22.26
C ALA A 156 4.48 14.94 22.62
N GLY A 157 5.64 14.71 23.26
CA GLY A 157 6.58 15.78 23.65
C GLY A 157 7.13 16.51 22.44
N ALA A 158 7.47 17.79 22.63
CA ALA A 158 8.07 18.67 21.60
C ALA A 158 9.23 17.93 20.94
N ASN A 159 9.33 18.03 19.61
CA ASN A 159 10.44 17.50 18.78
C ASN A 159 10.37 15.97 18.66
N THR A 160 9.31 15.31 19.16
CA THR A 160 9.08 13.85 18.93
C THR A 160 8.84 13.63 17.43
N ASP A 161 9.57 12.69 16.83
CA ASP A 161 9.39 12.29 15.40
C ASP A 161 8.23 11.28 15.36
N LEU A 162 7.21 11.58 14.56
CA LEU A 162 5.95 10.78 14.49
C LEU A 162 5.68 10.39 13.04
N ILE A 163 5.33 9.13 12.79
CA ILE A 163 4.69 8.67 11.52
C ILE A 163 3.19 8.52 11.79
N VAL A 164 2.37 9.12 10.94
CA VAL A 164 0.89 9.28 11.15
C VAL A 164 0.14 8.63 9.99
N SER A 165 -0.86 7.82 10.31
CA SER A 165 -1.75 7.10 9.36
C SER A 165 -3.18 7.65 9.47
N LEU A 166 -3.84 7.82 8.33
CA LEU A 166 -5.27 8.22 8.33
C LEU A 166 -6.12 7.06 8.84
N SER A 167 -6.95 7.33 9.84
CA SER A 167 -7.82 6.29 10.44
C SER A 167 -9.23 6.46 9.92
N TRP A 168 -9.78 7.67 9.99
CA TRP A 168 -11.13 7.97 9.46
C TRP A 168 -11.31 9.48 9.24
N ILE A 169 -12.31 9.84 8.45
CA ILE A 169 -12.62 11.26 8.14
C ILE A 169 -14.08 11.53 8.52
N SER A 170 -14.38 12.78 8.87
CA SER A 170 -15.68 13.22 9.41
C SER A 170 -15.91 14.67 9.05
N PRO A 171 -17.14 15.21 9.18
CA PRO A 171 -17.40 16.61 8.86
C PRO A 171 -16.54 17.57 9.69
N VAL A 172 -16.25 18.74 9.10
CA VAL A 172 -15.40 19.81 9.68
C VAL A 172 -15.84 20.08 11.12
N SER A 173 -14.86 20.20 12.03
CA SER A 173 -15.08 20.54 13.46
C SER A 173 -15.82 21.88 13.57
N ASP A 174 -15.54 22.85 12.69
CA ASP A 174 -16.04 24.24 12.85
C ASP A 174 -17.48 24.36 12.32
N GLN A 175 -18.11 23.25 11.89
CA GLN A 175 -19.56 23.14 11.57
C GLN A 175 -19.95 24.00 10.35
N HIS A 176 -19.00 24.40 9.48
CA HIS A 176 -19.34 25.21 8.27
C HIS A 176 -20.03 24.33 7.22
N ARG A 177 -19.92 23.01 7.33
CA ARG A 177 -20.71 22.02 6.54
C ARG A 177 -20.87 20.76 7.39
N HIS A 178 -21.87 19.93 7.11
CA HIS A 178 -22.25 18.77 7.96
C HIS A 178 -22.05 17.44 7.23
N ASP A 179 -21.48 17.47 6.02
CA ASP A 179 -21.14 16.24 5.25
C ASP A 179 -19.68 16.31 4.76
N VAL A 180 -19.16 15.17 4.31
CA VAL A 180 -17.78 15.02 3.75
C VAL A 180 -17.90 14.79 2.25
N ASP A 181 -17.29 15.68 1.46
CA ASP A 181 -17.19 15.59 -0.02
C ASP A 181 -15.78 15.10 -0.35
N PRO A 182 -15.60 13.82 -0.73
CA PRO A 182 -14.28 13.30 -1.04
C PRO A 182 -13.78 13.71 -2.44
N TRP A 183 -14.59 14.46 -3.18
CA TRP A 183 -14.27 14.95 -4.56
C TRP A 183 -13.43 16.23 -4.48
N VAL A 184 -13.30 16.85 -3.29
CA VAL A 184 -12.58 18.13 -3.10
C VAL A 184 -11.20 17.85 -2.49
N ILE A 185 -10.23 18.69 -2.80
CA ILE A 185 -8.82 18.57 -2.34
C ILE A 185 -8.56 19.65 -1.30
N PRO A 186 -7.57 19.46 -0.40
CA PRO A 186 -7.23 20.47 0.60
C PRO A 186 -6.71 21.78 -0.01
N ARG A 187 -6.87 22.87 0.74
CA ARG A 187 -6.14 24.15 0.54
C ARG A 187 -4.79 23.99 1.24
N TYR A 188 -3.79 23.55 0.50
CA TYR A 188 -2.45 23.18 1.03
C TYR A 188 -1.75 24.42 1.60
N GLY A 189 -1.99 25.58 1.01
CA GLY A 189 -1.39 26.87 1.42
C GLY A 189 -2.33 27.69 2.30
N SER A 190 -3.31 27.03 2.94
CA SER A 190 -4.35 27.66 3.78
C SER A 190 -5.08 28.75 2.98
N SER A 191 -5.49 29.85 3.63
CA SER A 191 -6.10 31.05 3.00
C SER A 191 -5.03 31.98 2.43
N LEU A 192 -3.75 31.67 2.64
CA LEU A 192 -2.60 32.61 2.44
C LEU A 192 -2.09 32.55 0.99
N THR A 193 -2.15 31.37 0.35
CA THR A 193 -1.65 31.16 -1.03
C THR A 193 -2.27 29.90 -1.66
N GLU A 194 -2.47 29.92 -2.97
CA GLU A 194 -2.58 28.72 -3.84
C GLU A 194 -1.24 27.97 -3.74
N ALA A 195 -1.27 26.64 -3.64
CA ALA A 195 -0.07 25.78 -3.58
C ALA A 195 0.52 25.63 -4.97
N ALA A 196 1.84 25.55 -5.07
CA ALA A 196 2.60 25.33 -6.32
C ALA A 196 2.63 23.83 -6.64
N GLN A 197 2.84 23.50 -7.92
CA GLN A 197 3.08 22.13 -8.44
C GLN A 197 1.87 21.22 -8.17
N LEU A 198 0.65 21.77 -8.10
CA LEU A 198 -0.61 20.98 -8.10
C LEU A 198 -0.67 20.17 -9.40
N ALA A 199 -1.09 18.91 -9.29
CA ALA A 199 -1.43 18.12 -10.48
C ALA A 199 -2.60 18.86 -11.14
N PRO A 200 -2.61 18.97 -12.49
CA PRO A 200 -3.61 19.79 -13.16
C PRO A 200 -5.07 19.33 -13.11
N PRO A 201 -6.04 20.25 -13.29
CA PRO A 201 -7.44 19.84 -13.41
C PRO A 201 -7.64 18.81 -14.53
N ILE A 202 -8.53 17.85 -14.31
CA ILE A 202 -8.84 16.86 -15.38
C ILE A 202 -10.32 16.92 -15.79
N TYR A 203 -10.57 16.81 -17.08
CA TYR A 203 -11.94 16.93 -17.63
C TYR A 203 -12.24 15.77 -18.61
N PRO A 204 -13.48 15.25 -18.74
CA PRO A 204 -13.77 14.25 -19.77
C PRO A 204 -13.57 14.89 -21.15
N PRO A 205 -12.57 14.47 -21.95
CA PRO A 205 -12.25 15.18 -23.20
C PRO A 205 -13.21 14.93 -24.37
N GLY A 206 -13.62 13.68 -24.58
CA GLY A 206 -14.20 13.22 -25.87
C GLY A 206 -15.71 13.26 -25.90
N PHE A 207 -16.29 12.82 -27.02
CA PHE A 207 -17.74 12.85 -27.33
C PHE A 207 -18.52 11.97 -26.34
N GLY A 208 -19.43 12.59 -25.57
CA GLY A 208 -20.33 11.91 -24.63
C GLY A 208 -19.60 11.21 -23.48
N GLU A 209 -18.35 11.59 -23.22
CA GLU A 209 -17.43 10.82 -22.33
C GLU A 209 -17.60 11.28 -20.87
N ALA A 210 -17.45 10.32 -19.95
CA ALA A 210 -17.44 10.53 -18.49
C ALA A 210 -16.16 9.89 -17.93
N ILE A 211 -15.50 10.58 -17.01
CA ILE A 211 -14.32 10.06 -16.28
C ILE A 211 -14.76 8.86 -15.44
N VAL A 212 -14.00 7.77 -15.50
CA VAL A 212 -14.23 6.55 -14.69
C VAL A 212 -13.54 6.76 -13.34
N PHE A 213 -14.30 6.64 -12.25
CA PHE A 213 -13.79 6.69 -10.87
C PHE A 213 -13.76 5.26 -10.32
N PHE A 214 -12.60 4.88 -9.81
CA PHE A 214 -12.40 3.62 -9.06
C PHE A 214 -12.73 3.92 -7.60
N MET A 215 -13.72 3.19 -7.07
CA MET A 215 -14.32 3.43 -5.72
C MET A 215 -13.79 2.37 -4.75
N SER A 216 -13.47 2.80 -3.54
CA SER A 216 -13.12 1.92 -2.39
C SER A 216 -13.90 2.39 -1.17
N ASP A 217 -14.27 1.44 -0.31
CA ASP A 217 -14.90 1.76 1.00
C ASP A 217 -13.79 2.25 1.94
N PHE A 218 -14.15 3.21 2.79
CA PHE A 218 -13.28 3.82 3.81
C PHE A 218 -14.17 4.30 4.94
N PRO A 219 -13.72 4.31 6.21
CA PRO A 219 -14.51 4.89 7.29
C PRO A 219 -14.65 6.41 7.02
N VAL A 220 -15.83 6.79 6.53
CA VAL A 220 -16.23 8.20 6.25
C VAL A 220 -17.54 8.42 7.00
N VAL A 221 -17.58 9.41 7.87
CA VAL A 221 -18.83 9.85 8.57
C VAL A 221 -19.53 10.86 7.65
N SER A 222 -20.79 10.60 7.32
CA SER A 222 -21.67 11.49 6.51
C SER A 222 -20.99 11.86 5.18
N GLY A 223 -20.53 10.86 4.44
CA GLY A 223 -20.00 11.05 3.08
C GLY A 223 -21.12 11.42 2.12
N VAL A 224 -20.87 12.31 1.16
CA VAL A 224 -21.85 12.61 0.07
C VAL A 224 -22.11 11.32 -0.72
N ASN A 225 -21.12 10.41 -0.79
CA ASN A 225 -21.25 9.08 -1.46
C ASN A 225 -21.12 7.97 -0.42
N GLY A 226 -21.57 8.22 0.82
CA GLY A 226 -21.43 7.27 1.94
C GLY A 226 -19.96 6.98 2.23
N MET A 227 -19.63 5.74 2.53
CA MET A 227 -18.29 5.30 2.99
C MET A 227 -17.41 4.97 1.78
N ARG A 228 -17.47 5.78 0.73
CA ARG A 228 -16.85 5.50 -0.59
C ARG A 228 -15.92 6.66 -0.95
N ILE A 229 -14.73 6.35 -1.46
CA ILE A 229 -13.70 7.32 -1.92
C ILE A 229 -13.43 7.03 -3.39
N PRO A 230 -13.61 8.03 -4.28
CA PRO A 230 -13.25 7.91 -5.68
C PRO A 230 -11.77 8.24 -5.92
N CYS A 231 -11.16 7.60 -6.92
CA CYS A 231 -9.84 7.97 -7.49
C CYS A 231 -9.89 7.72 -9.00
N THR A 232 -8.88 8.17 -9.71
CA THR A 232 -8.87 8.09 -11.20
C THR A 232 -8.00 6.94 -11.70
N LEU A 233 -7.27 6.29 -10.79
CA LEU A 233 -6.33 5.24 -11.23
C LEU A 233 -6.00 4.31 -10.08
N PRO A 234 -5.96 2.98 -10.34
CA PRO A 234 -5.50 2.04 -9.33
C PRO A 234 -4.03 2.38 -9.01
N GLN A 235 -3.65 2.27 -7.73
CA GLN A 235 -2.28 2.62 -7.29
C GLN A 235 -1.24 1.75 -8.03
N GLU A 236 -1.55 0.49 -8.23
CA GLU A 236 -0.59 -0.44 -8.86
C GLU A 236 -0.36 -0.05 -10.33
N TYR A 237 -1.33 0.64 -10.95
CA TYR A 237 -1.17 1.25 -12.30
C TYR A 237 -0.08 2.33 -12.26
N VAL A 238 -0.02 3.09 -11.16
CA VAL A 238 0.97 4.18 -10.98
C VAL A 238 2.38 3.57 -11.02
N ALA A 239 2.65 2.57 -10.18
CA ALA A 239 3.97 1.90 -10.10
C ALA A 239 4.33 1.36 -11.48
N HIS A 240 3.35 0.76 -12.18
CA HIS A 240 3.53 0.16 -13.53
C HIS A 240 4.03 1.21 -14.53
N PHE A 241 3.32 2.35 -14.63
CA PHE A 241 3.66 3.45 -15.58
C PHE A 241 5.03 4.03 -15.22
N VAL A 242 5.31 4.25 -13.93
CA VAL A 242 6.62 4.82 -13.47
C VAL A 242 7.72 3.82 -13.87
N ASN A 243 7.44 2.52 -13.78
CA ASN A 243 8.40 1.44 -14.14
C ASN A 243 8.64 1.44 -15.65
N GLU A 244 7.59 1.28 -16.46
CA GLU A 244 7.77 1.11 -17.92
C GLU A 244 8.30 2.38 -18.59
N GLN A 245 7.80 3.55 -18.20
CA GLN A 245 8.17 4.81 -18.91
C GLN A 245 7.95 4.60 -20.40
N ALA A 246 6.82 4.02 -20.78
CA ALA A 246 6.55 3.70 -22.20
C ALA A 246 6.13 4.98 -22.94
N PRO A 247 6.74 5.30 -24.10
CA PRO A 247 6.36 6.50 -24.86
C PRO A 247 4.89 6.59 -25.30
N THR A 248 4.27 7.75 -25.09
CA THR A 248 2.87 8.01 -25.55
C THR A 248 2.91 8.25 -27.05
N ARG A 249 2.33 7.35 -27.85
CA ARG A 249 2.48 7.34 -29.33
C ARG A 249 1.17 7.79 -30.00
N GLY A 250 0.18 8.19 -29.21
CA GLY A 250 -1.13 8.66 -29.72
C GLY A 250 -1.85 9.53 -28.72
N GLU A 251 -3.02 10.05 -29.11
CA GLU A 251 -3.80 11.03 -28.31
C GLU A 251 -4.56 10.32 -27.19
N ALA A 252 -4.94 9.05 -27.39
CA ALA A 252 -5.59 8.22 -26.34
C ALA A 252 -5.21 6.75 -26.56
N ALA A 253 -5.15 6.00 -25.47
CA ALA A 253 -5.00 4.53 -25.47
C ALA A 253 -6.40 3.90 -25.38
N LEU A 254 -6.83 3.19 -26.42
CA LEU A 254 -8.07 2.39 -26.40
C LEU A 254 -7.80 1.14 -25.55
N LEU A 255 -8.61 0.95 -24.50
CA LEU A 255 -8.56 -0.26 -23.63
C LEU A 255 -9.83 -1.07 -23.85
N HIS A 256 -9.73 -2.39 -23.69
CA HIS A 256 -10.88 -3.28 -23.42
C HIS A 256 -10.83 -3.68 -21.95
N TYR A 257 -11.98 -3.65 -21.26
CA TYR A 257 -12.19 -4.31 -19.95
C TYR A 257 -12.68 -5.73 -20.24
N VAL A 258 -11.85 -6.74 -19.97
CA VAL A 258 -12.09 -8.12 -20.48
C VAL A 258 -12.39 -9.05 -19.31
N ASP A 259 -13.30 -10.00 -19.54
CA ASP A 259 -13.51 -11.17 -18.66
C ASP A 259 -12.16 -11.87 -18.51
N PRO A 260 -11.70 -12.14 -17.28
CA PRO A 260 -10.36 -12.71 -17.09
C PRO A 260 -10.24 -14.15 -17.63
N ASP A 261 -11.35 -14.89 -17.70
CA ASP A 261 -11.38 -16.33 -18.07
C ASP A 261 -11.59 -16.52 -19.58
N THR A 262 -12.52 -15.77 -20.18
CA THR A 262 -12.94 -15.94 -21.59
C THR A 262 -12.25 -14.89 -22.49
N HIS A 263 -11.78 -13.79 -21.90
CA HIS A 263 -11.19 -12.66 -22.68
C HIS A 263 -12.28 -11.91 -23.45
N ARG A 264 -13.54 -12.13 -23.07
CA ARG A 264 -14.63 -11.39 -23.74
C ARG A 264 -14.57 -9.89 -23.42
N ASN A 265 -14.67 -9.05 -24.45
CA ASN A 265 -14.68 -7.59 -24.26
C ASN A 265 -16.00 -7.18 -23.59
N LEU A 266 -15.93 -6.67 -22.37
CA LEU A 266 -17.11 -6.20 -21.59
C LEU A 266 -17.31 -4.69 -21.79
N GLY A 267 -16.33 -3.97 -22.37
CA GLY A 267 -16.50 -2.53 -22.61
C GLY A 267 -15.24 -1.86 -23.12
N GLU A 268 -15.43 -0.77 -23.89
CA GLU A 268 -14.34 0.08 -24.42
C GLU A 268 -14.14 1.30 -23.52
N PHE A 269 -12.87 1.64 -23.26
CA PHE A 269 -12.45 2.83 -22.49
C PHE A 269 -11.27 3.50 -23.20
N LYS A 270 -11.12 4.81 -23.01
CA LYS A 270 -9.94 5.58 -23.48
C LYS A 270 -9.17 6.05 -22.24
N MET A 271 -7.87 5.77 -22.20
CA MET A 271 -6.91 6.37 -21.25
C MET A 271 -6.18 7.51 -21.97
N TYR A 272 -6.25 8.70 -21.39
CA TYR A 272 -5.57 9.91 -21.91
C TYR A 272 -4.16 9.96 -21.34
N PRO A 273 -3.23 10.67 -22.02
CA PRO A 273 -1.86 10.81 -21.54
C PRO A 273 -1.75 11.32 -20.10
N GLU A 274 -2.76 12.08 -19.64
CA GLU A 274 -2.80 12.75 -18.32
C GLU A 274 -2.99 11.70 -17.22
N GLY A 275 -3.27 10.45 -17.58
CA GLY A 275 -3.23 9.29 -16.67
C GLY A 275 -4.59 9.01 -16.04
N PHE A 276 -5.67 9.29 -16.78
CA PHE A 276 -7.05 8.95 -16.37
C PHE A 276 -7.77 8.31 -17.57
N MET A 277 -8.96 7.79 -17.28
CA MET A 277 -9.74 6.89 -18.16
C MET A 277 -11.17 7.45 -18.29
N THR A 278 -11.74 7.42 -19.49
CA THR A 278 -13.16 7.75 -19.74
C THR A 278 -13.88 6.56 -20.36
N CYS A 279 -15.21 6.62 -20.33
CA CYS A 279 -16.16 5.74 -21.06
C CYS A 279 -17.30 6.61 -21.58
N VAL A 280 -18.15 6.04 -22.43
CA VAL A 280 -19.47 6.64 -22.81
C VAL A 280 -20.55 5.77 -22.19
N PRO A 281 -21.36 6.30 -21.25
CA PRO A 281 -22.46 5.51 -20.70
C PRO A 281 -23.52 5.24 -21.76
N ASN A 282 -24.32 4.18 -21.55
CA ASN A 282 -25.41 3.76 -22.46
C ASN A 282 -26.64 4.63 -22.16
N SER A 283 -26.91 5.62 -23.03
CA SER A 283 -28.03 6.60 -22.94
C SER A 283 -28.38 7.07 -21.52
N SER A 284 -27.41 7.68 -20.82
CA SER A 284 -27.55 8.27 -19.47
C SER A 284 -27.68 7.14 -18.43
N GLY A 285 -27.11 5.97 -18.71
CA GLY A 285 -27.07 4.83 -17.76
C GLY A 285 -25.98 5.01 -16.72
N SER A 286 -25.79 4.02 -15.86
CA SER A 286 -24.77 4.03 -14.77
C SER A 286 -23.38 3.72 -15.35
N GLY A 287 -23.29 3.43 -16.65
CA GLY A 287 -22.03 3.15 -17.35
C GLY A 287 -21.33 1.95 -16.74
N PRO A 288 -20.08 2.10 -16.24
CA PRO A 288 -19.28 0.95 -15.81
C PRO A 288 -19.67 0.37 -14.44
N GLN A 289 -20.69 0.94 -13.78
CA GLN A 289 -21.16 0.54 -12.43
C GLN A 289 -21.68 -0.90 -12.44
N THR A 290 -22.28 -1.37 -13.54
CA THR A 290 -22.93 -2.71 -13.63
C THR A 290 -21.91 -3.75 -14.09
N LEU A 291 -20.71 -3.36 -14.52
CA LEU A 291 -19.67 -4.34 -14.93
C LEU A 291 -19.20 -5.11 -13.71
N PRO A 292 -18.81 -6.40 -13.87
CA PRO A 292 -18.17 -7.14 -12.79
C PRO A 292 -16.83 -6.47 -12.46
N ILE A 293 -16.33 -6.62 -11.23
CA ILE A 293 -15.10 -5.92 -10.74
C ILE A 293 -13.88 -6.84 -10.80
N ASN A 294 -14.04 -8.06 -11.29
CA ASN A 294 -12.93 -9.05 -11.39
C ASN A 294 -12.30 -9.02 -12.78
N GLY A 295 -12.65 -8.01 -13.57
CA GLY A 295 -12.11 -7.86 -14.92
C GLY A 295 -10.71 -7.29 -15.00
N VAL A 296 -10.15 -7.29 -16.19
CA VAL A 296 -8.76 -6.82 -16.49
C VAL A 296 -8.85 -5.77 -17.61
N PHE A 297 -8.23 -4.61 -17.42
CA PHE A 297 -8.01 -3.66 -18.54
C PHE A 297 -6.83 -4.16 -19.37
N THR A 298 -6.98 -4.05 -20.69
CA THR A 298 -5.99 -4.50 -21.71
C THR A 298 -5.85 -3.41 -22.76
N PHE A 299 -4.63 -3.01 -23.07
CA PHE A 299 -4.31 -2.04 -24.15
C PHE A 299 -4.65 -2.68 -25.50
N VAL A 300 -5.43 -1.97 -26.32
CA VAL A 300 -5.82 -2.42 -27.68
C VAL A 300 -4.96 -1.69 -28.72
N SER A 301 -5.04 -0.36 -28.77
CA SER A 301 -4.25 0.48 -29.70
C SER A 301 -4.28 1.95 -29.28
N TRP A 302 -3.35 2.73 -29.82
CA TRP A 302 -3.40 4.21 -29.80
C TRP A 302 -4.51 4.64 -30.77
N VAL A 303 -5.37 5.57 -30.34
CA VAL A 303 -6.51 6.07 -31.18
C VAL A 303 -6.51 7.60 -31.12
N SER A 304 -7.25 8.21 -32.04
CA SER A 304 -7.55 9.67 -32.07
C SER A 304 -8.32 10.02 -30.79
N ARG A 305 -8.12 11.24 -30.29
CA ARG A 305 -8.95 11.81 -29.21
C ARG A 305 -10.43 11.77 -29.64
N PHE A 306 -10.70 11.79 -30.95
CA PHE A 306 -12.07 11.81 -31.52
C PHE A 306 -12.72 10.41 -31.50
N TYR A 307 -11.94 9.35 -31.33
CA TYR A 307 -12.46 7.96 -31.35
C TYR A 307 -13.74 7.88 -30.51
N GLN A 308 -14.85 7.45 -31.12
CA GLN A 308 -16.18 7.33 -30.45
C GLN A 308 -16.26 5.98 -29.73
N LEU A 309 -16.29 5.99 -28.39
CA LEU A 309 -16.41 4.76 -27.56
C LEU A 309 -17.81 4.18 -27.70
N LYS A 310 -17.89 2.87 -27.91
CA LYS A 310 -19.17 2.14 -27.89
C LYS A 310 -19.70 2.27 -26.47
N PRO A 311 -20.99 2.64 -26.29
CA PRO A 311 -21.55 2.81 -24.96
C PRO A 311 -21.34 1.60 -24.04
N VAL A 312 -20.95 1.85 -22.79
CA VAL A 312 -20.70 0.77 -21.80
C VAL A 312 -21.85 0.70 -20.81
N GLY A 313 -22.19 -0.52 -20.39
CA GLY A 313 -23.22 -0.68 -19.36
C GLY A 313 -24.64 -0.75 -19.85
N THR A 314 -25.58 -0.60 -18.94
CA THR A 314 -27.01 -0.75 -19.28
C THR A 314 -27.63 0.64 -19.44
N ALA A 315 -28.65 0.74 -20.29
CA ALA A 315 -29.39 2.00 -20.50
C ALA A 315 -29.95 2.56 -19.19
N LYS B 12 8.79 -14.28 -23.50
CA LYS B 12 8.59 -12.93 -22.87
C LYS B 12 9.68 -12.68 -21.83
N PRO B 13 10.50 -11.61 -21.98
CA PRO B 13 11.68 -11.42 -21.14
C PRO B 13 11.33 -11.06 -19.68
N PHE B 14 11.98 -11.74 -18.74
CA PHE B 14 11.89 -11.47 -17.28
C PHE B 14 12.47 -10.09 -16.99
N SER B 15 11.89 -9.36 -16.04
CA SER B 15 12.37 -8.04 -15.58
C SER B 15 11.97 -7.84 -14.11
N VAL B 16 12.72 -7.02 -13.39
CA VAL B 16 12.30 -6.51 -12.05
C VAL B 16 11.94 -5.04 -12.24
N PRO B 17 11.09 -4.45 -11.37
CA PRO B 17 10.70 -3.05 -11.53
C PRO B 17 11.92 -2.14 -11.55
N ASN B 18 11.93 -1.19 -12.49
CA ASN B 18 12.91 -0.09 -12.59
C ASN B 18 12.45 1.03 -11.65
N LEU B 19 12.44 0.76 -10.34
CA LEU B 19 11.98 1.70 -9.29
C LEU B 19 13.00 1.68 -8.16
N PRO B 20 13.41 2.85 -7.60
CA PRO B 20 14.33 2.86 -6.46
C PRO B 20 13.74 2.14 -5.24
N LEU B 21 14.56 1.33 -4.58
CA LEU B 21 14.12 0.52 -3.41
C LEU B 21 13.49 1.40 -2.31
N ASN B 22 14.03 2.57 -2.05
CA ASN B 22 13.54 3.45 -0.94
C ASN B 22 12.16 4.03 -1.26
N THR B 23 11.67 3.88 -2.50
CA THR B 23 10.30 4.33 -2.88
C THR B 23 9.32 3.16 -2.81
N LEU B 24 9.78 1.96 -2.46
CA LEU B 24 8.98 0.70 -2.43
C LEU B 24 8.67 0.28 -1.00
N SER B 25 7.70 -0.62 -0.84
CA SER B 25 7.22 -1.09 0.47
C SER B 25 7.82 -2.46 0.83
N ASN B 26 8.00 -2.69 2.12
CA ASN B 26 8.01 -4.03 2.75
C ASN B 26 6.79 -4.82 2.25
N SER B 27 6.90 -6.15 2.18
CA SER B 27 5.80 -7.07 1.78
C SER B 27 5.19 -7.76 3.01
N ARG B 28 5.63 -7.42 4.22
CA ARG B 28 5.12 -8.00 5.49
C ARG B 28 4.50 -6.91 6.38
N VAL B 29 4.90 -5.65 6.23
CA VAL B 29 4.24 -4.45 6.85
C VAL B 29 4.17 -3.33 5.82
N PRO B 30 3.13 -2.45 5.89
CA PRO B 30 3.01 -1.33 4.96
C PRO B 30 3.91 -0.18 5.42
N SER B 31 5.20 -0.27 5.07
CA SER B 31 6.26 0.68 5.45
C SER B 31 7.32 0.70 4.34
N LEU B 32 7.81 1.89 4.01
CA LEU B 32 8.91 2.08 3.02
C LEU B 32 10.12 1.23 3.44
N ILE B 33 10.78 0.62 2.46
CA ILE B 33 12.10 -0.05 2.64
C ILE B 33 13.13 1.04 2.92
N ASN B 34 13.91 0.89 3.99
CA ASN B 34 14.95 1.87 4.40
C ASN B 34 16.31 1.18 4.58
N ALA B 35 16.43 -0.11 4.30
CA ALA B 35 17.71 -0.84 4.42
C ALA B 35 17.62 -2.23 3.78
N MET B 36 18.79 -2.80 3.48
CA MET B 36 18.98 -4.23 3.15
C MET B 36 19.88 -4.83 4.21
N MET B 37 19.70 -6.10 4.54
CA MET B 37 20.61 -6.80 5.48
C MET B 37 20.66 -8.30 5.15
N ILE B 38 21.72 -8.93 5.62
CA ILE B 38 21.87 -10.41 5.72
C ILE B 38 21.98 -10.73 7.20
N SER B 39 21.68 -11.97 7.58
CA SER B 39 21.76 -12.43 8.99
C SER B 39 22.21 -13.88 9.02
N ARG B 40 23.29 -14.16 9.73
CA ARG B 40 23.84 -15.53 9.80
C ARG B 40 23.00 -16.36 10.78
N ASP B 41 22.24 -15.72 11.63
CA ASP B 41 21.36 -16.46 12.57
C ASP B 41 19.96 -16.57 11.99
N HIS B 42 19.39 -15.44 11.61
CA HIS B 42 17.97 -15.39 11.17
C HIS B 42 17.81 -15.88 9.72
N GLY B 43 18.87 -15.84 8.91
CA GLY B 43 18.76 -16.23 7.49
C GLY B 43 19.12 -17.68 7.19
N GLN B 44 19.20 -18.54 8.21
CA GLN B 44 19.48 -19.98 7.98
C GLN B 44 18.23 -20.67 7.39
N MET B 45 17.05 -20.18 7.72
CA MET B 45 15.78 -20.71 7.17
C MET B 45 14.73 -19.62 7.34
N VAL B 46 13.97 -19.34 6.29
CA VAL B 46 12.84 -18.37 6.43
C VAL B 46 11.59 -18.98 5.78
N GLN B 47 10.42 -18.73 6.36
CA GLN B 47 9.14 -19.27 5.82
C GLN B 47 8.04 -18.20 5.93
N PHE B 48 8.38 -16.95 5.62
CA PHE B 48 7.40 -15.84 5.56
C PHE B 48 6.25 -16.30 4.66
N GLN B 49 5.02 -15.91 5.00
CA GLN B 49 3.80 -16.28 4.24
C GLN B 49 3.35 -15.09 3.39
N ASN B 50 3.83 -13.89 3.69
CA ASN B 50 3.59 -12.66 2.89
C ASN B 50 4.87 -12.32 2.12
N GLY B 51 4.71 -11.65 0.97
CA GLY B 51 5.81 -11.32 0.05
C GLY B 51 6.32 -12.56 -0.67
N ARG B 52 5.47 -13.59 -0.80
CA ARG B 52 5.84 -14.89 -1.41
C ARG B 52 5.20 -14.99 -2.79
N VAL B 53 6.05 -15.14 -3.81
CA VAL B 53 5.62 -15.21 -5.23
C VAL B 53 6.77 -15.87 -6.01
N THR B 54 6.45 -16.63 -7.05
CA THR B 54 7.46 -17.17 -7.99
C THR B 54 7.84 -16.05 -8.96
N LEU B 55 9.02 -16.15 -9.58
CA LEU B 55 9.47 -15.17 -10.58
C LEU B 55 8.53 -15.18 -11.79
N ASP B 56 7.82 -16.30 -12.04
CA ASP B 56 6.83 -16.39 -13.15
C ASP B 56 5.42 -16.01 -12.66
N GLY B 57 5.30 -15.50 -11.44
CA GLY B 57 4.16 -14.68 -10.98
C GLY B 57 3.07 -15.48 -10.31
N GLN B 58 3.42 -16.54 -9.57
CA GLN B 58 2.43 -17.36 -8.80
C GLN B 58 2.52 -16.98 -7.32
N LEU B 59 1.47 -16.30 -6.82
CA LEU B 59 1.32 -15.91 -5.39
C LEU B 59 1.37 -17.17 -4.51
N GLN B 60 2.01 -17.08 -3.35
CA GLN B 60 2.13 -18.19 -2.37
C GLN B 60 1.77 -17.67 -0.97
N GLY B 61 1.50 -18.60 -0.05
CA GLY B 61 1.08 -18.28 1.33
C GLY B 61 -0.18 -17.41 1.32
N THR B 62 -0.14 -16.28 2.02
CA THR B 62 -1.27 -15.33 2.18
C THR B 62 -0.97 -14.04 1.42
N THR B 63 0.00 -14.07 0.50
CA THR B 63 0.55 -12.87 -0.18
C THR B 63 -0.51 -12.24 -1.06
N PRO B 64 -0.86 -10.95 -0.86
CA PRO B 64 -1.70 -10.23 -1.81
C PRO B 64 -0.89 -9.63 -2.97
N THR B 65 -1.58 -9.26 -4.05
CA THR B 65 -1.03 -8.41 -5.14
C THR B 65 -0.79 -7.00 -4.60
N SER B 66 -1.73 -6.50 -3.79
CA SER B 66 -1.83 -5.08 -3.37
C SER B 66 -1.49 -4.95 -1.88
N LEU B 67 -0.77 -3.89 -1.53
CA LEU B 67 -0.49 -3.51 -0.13
C LEU B 67 -1.79 -3.18 0.61
N SER B 68 -2.87 -2.78 -0.08
CA SER B 68 -4.19 -2.47 0.55
C SER B 68 -4.74 -3.69 1.30
N GLN B 69 -4.27 -4.91 0.97
CA GLN B 69 -4.73 -6.17 1.61
C GLN B 69 -3.73 -6.62 2.69
N LEU B 70 -2.52 -6.04 2.75
CA LEU B 70 -1.41 -6.55 3.61
C LEU B 70 -1.65 -6.17 5.07
N CYS B 71 -1.40 -7.09 6.00
CA CYS B 71 -1.40 -6.85 7.47
C CYS B 71 -2.78 -6.38 7.91
N LYS B 72 -3.84 -6.89 7.27
CA LYS B 72 -5.23 -6.56 7.64
C LYS B 72 -5.96 -7.86 7.97
N ILE B 73 -6.99 -7.73 8.79
CA ILE B 73 -7.92 -8.82 9.18
C ILE B 73 -9.33 -8.27 8.98
N ARG B 74 -10.23 -9.07 8.41
CA ARG B 74 -11.68 -8.75 8.36
C ARG B 74 -12.44 -9.92 8.99
N GLY B 75 -13.54 -9.63 9.68
CA GLY B 75 -14.36 -10.67 10.33
C GLY B 75 -15.61 -10.12 10.97
N LYS B 76 -16.51 -11.04 11.35
CA LYS B 76 -17.73 -10.75 12.15
C LYS B 76 -17.41 -11.00 13.62
N VAL B 77 -17.79 -10.07 14.50
CA VAL B 77 -17.57 -10.18 15.98
C VAL B 77 -18.38 -11.38 16.49
N PHE B 78 -17.76 -12.22 17.33
CA PHE B 78 -18.45 -13.22 18.19
C PHE B 78 -18.15 -12.88 19.65
N HIS B 79 -19.13 -13.12 20.50
CA HIS B 79 -18.94 -12.91 21.96
C HIS B 79 -18.83 -14.28 22.60
N ALA B 80 -17.79 -14.49 23.38
CA ALA B 80 -17.63 -15.77 24.10
C ALA B 80 -17.13 -15.51 25.51
N SER B 81 -17.33 -16.47 26.41
CA SER B 81 -16.97 -16.32 27.83
C SER B 81 -15.45 -16.34 27.99
N GLY B 82 -14.76 -17.15 27.19
CA GLY B 82 -13.29 -17.14 27.20
C GLY B 82 -12.74 -15.84 26.67
N GLY B 83 -13.53 -15.14 25.85
CA GLY B 83 -13.11 -13.88 25.23
C GLY B 83 -13.78 -13.67 23.90
N ASN B 84 -14.08 -12.42 23.55
CA ASN B 84 -14.71 -12.09 22.26
C ASN B 84 -13.67 -12.22 21.13
N GLY B 85 -14.12 -12.13 19.88
CA GLY B 85 -13.20 -12.28 18.74
C GLY B 85 -13.89 -12.12 17.39
N LEU B 86 -13.18 -12.55 16.34
CA LEU B 86 -13.61 -12.36 14.94
C LEU B 86 -13.69 -13.72 14.25
N ASN B 87 -14.82 -13.98 13.60
CA ASN B 87 -14.97 -15.05 12.59
C ASN B 87 -14.55 -14.43 11.26
N LEU B 88 -13.38 -14.85 10.76
CA LEU B 88 -12.65 -14.17 9.66
C LEU B 88 -13.40 -14.32 8.34
N THR B 89 -13.38 -13.26 7.53
CA THR B 89 -13.67 -13.29 6.09
C THR B 89 -12.41 -12.83 5.35
N GLU B 90 -12.50 -12.78 4.04
CA GLU B 90 -11.43 -12.17 3.23
C GLU B 90 -11.69 -10.68 3.36
N LEU B 91 -10.74 -9.84 2.97
CA LEU B 91 -10.88 -8.39 3.17
C LEU B 91 -11.99 -7.77 2.31
N ASP B 92 -12.34 -8.39 1.20
CA ASP B 92 -13.47 -7.90 0.34
C ASP B 92 -14.80 -8.30 0.98
N GLY B 93 -14.77 -9.08 2.07
CA GLY B 93 -15.97 -9.50 2.81
C GLY B 93 -16.50 -10.86 2.37
N SER B 94 -15.93 -11.45 1.32
CA SER B 94 -16.30 -12.82 0.84
C SER B 94 -15.83 -13.85 1.86
N ALA B 95 -16.53 -14.99 1.95
CA ALA B 95 -16.30 -16.04 2.98
C ALA B 95 -14.89 -16.58 2.87
N TYR B 96 -14.21 -16.80 4.00
CA TYR B 96 -12.91 -17.50 4.07
C TYR B 96 -13.14 -19.00 4.30
N HIS B 97 -12.58 -19.86 3.44
CA HIS B 97 -12.60 -21.34 3.58
C HIS B 97 -11.22 -21.84 4.01
N ALA B 98 -11.17 -22.72 5.02
CA ALA B 98 -9.95 -23.48 5.40
C ALA B 98 -9.57 -24.46 4.28
N PHE B 99 -8.36 -25.03 4.36
CA PHE B 99 -7.83 -26.12 3.49
C PHE B 99 -7.36 -25.60 2.13
N GLU B 100 -7.57 -24.31 1.85
CA GLU B 100 -7.16 -23.65 0.58
C GLU B 100 -5.87 -22.87 0.81
N SER B 101 -5.78 -22.18 1.94
CA SER B 101 -4.69 -21.23 2.28
C SER B 101 -4.37 -21.32 3.77
N PRO B 102 -3.21 -20.82 4.26
CA PRO B 102 -2.91 -20.84 5.69
C PRO B 102 -3.85 -19.95 6.51
N ALA B 103 -4.38 -18.89 5.88
CA ALA B 103 -5.25 -17.86 6.50
C ALA B 103 -5.84 -16.98 5.40
N PRO B 104 -6.77 -16.05 5.71
CA PRO B 104 -7.23 -15.08 4.72
C PRO B 104 -6.06 -14.33 4.04
N ILE B 105 -6.24 -13.94 2.79
CA ILE B 105 -5.19 -13.21 2.03
C ILE B 105 -4.85 -11.94 2.82
N GLY B 106 -3.55 -11.68 3.00
CA GLY B 106 -3.02 -10.46 3.64
C GLY B 106 -2.94 -10.58 5.16
N PHE B 107 -3.40 -11.69 5.74
CA PHE B 107 -3.33 -11.95 7.20
C PHE B 107 -1.89 -11.78 7.65
N PRO B 108 -1.61 -11.02 8.75
CA PRO B 108 -0.24 -10.74 9.14
C PRO B 108 0.51 -12.05 9.45
N ASP B 109 1.82 -12.08 9.18
CA ASP B 109 2.66 -13.31 9.31
C ASP B 109 3.84 -13.04 10.24
N ILE B 110 3.66 -12.15 11.22
CA ILE B 110 4.68 -11.89 12.28
C ILE B 110 4.32 -12.74 13.50
N GLY B 111 5.01 -13.86 13.68
CA GLY B 111 4.70 -14.88 14.68
C GLY B 111 5.10 -14.47 16.10
N ASP B 112 4.48 -15.12 17.09
CA ASP B 112 4.96 -15.20 18.50
C ASP B 112 5.10 -13.80 19.10
N CYS B 113 4.06 -12.97 18.97
CA CYS B 113 4.01 -11.59 19.53
C CYS B 113 2.55 -11.13 19.64
N ASP B 114 2.33 -10.08 20.44
CA ASP B 114 1.01 -9.42 20.61
C ASP B 114 0.78 -8.51 19.39
N TRP B 115 -0.41 -8.55 18.82
CA TRP B 115 -0.82 -7.63 17.72
C TRP B 115 -1.77 -6.60 18.30
N HIS B 116 -1.31 -5.34 18.41
CA HIS B 116 -2.16 -4.16 18.72
C HIS B 116 -2.71 -3.63 17.41
N MET B 117 -4.04 -3.58 17.28
CA MET B 117 -4.70 -3.35 15.97
C MET B 117 -5.83 -2.33 16.16
N SER B 118 -6.18 -1.68 15.05
CA SER B 118 -7.29 -0.70 14.95
C SER B 118 -8.36 -1.29 14.04
N ALA B 119 -9.56 -1.50 14.58
CA ALA B 119 -10.74 -2.03 13.86
C ALA B 119 -11.72 -0.89 13.60
N THR B 120 -12.32 -0.83 12.41
CA THR B 120 -13.41 0.11 12.06
C THR B 120 -14.61 -0.70 11.52
N ALA B 121 -15.82 -0.24 11.84
CA ALA B 121 -17.09 -0.81 11.34
C ALA B 121 -17.17 -0.56 9.83
N THR B 122 -17.43 -1.62 9.07
CA THR B 122 -17.56 -1.55 7.60
C THR B 122 -18.98 -1.07 7.22
N ASN B 123 -19.89 -1.09 8.18
CA ASN B 123 -21.29 -0.68 7.93
C ASN B 123 -21.67 0.52 8.80
N ASN B 124 -22.17 1.60 8.20
CA ASN B 124 -22.68 2.76 8.97
C ASN B 124 -21.66 3.28 9.98
N PHE B 125 -20.43 3.53 9.52
CA PHE B 125 -19.36 4.07 10.40
C PHE B 125 -19.84 5.42 10.97
N THR B 126 -19.90 5.52 12.29
CA THR B 126 -20.48 6.75 12.92
C THR B 126 -19.38 7.65 13.48
N GLY B 127 -18.17 7.13 13.64
CA GLY B 127 -17.11 7.90 14.30
C GLY B 127 -16.30 7.10 15.30
N SER B 128 -15.89 7.72 16.40
CA SER B 128 -14.93 7.10 17.36
C SER B 128 -15.55 5.87 18.05
N SER B 129 -16.89 5.78 18.13
CA SER B 129 -17.59 4.62 18.74
C SER B 129 -17.62 3.43 17.77
N ASN B 130 -17.19 3.61 16.52
CA ASN B 130 -17.07 2.53 15.50
C ASN B 130 -15.59 2.29 15.16
N GLU B 131 -14.67 2.84 15.97
CA GLU B 131 -13.22 2.58 15.93
C GLU B 131 -12.83 1.89 17.25
N TYR B 132 -12.15 0.75 17.18
CA TYR B 132 -11.82 -0.11 18.34
C TYR B 132 -10.32 -0.44 18.34
N GLN B 133 -9.62 -0.04 19.40
CA GLN B 133 -8.21 -0.43 19.64
C GLN B 133 -8.23 -1.80 20.34
N ILE B 134 -7.84 -2.86 19.63
CA ILE B 134 -7.99 -4.26 20.12
C ILE B 134 -6.60 -4.91 20.23
N LEU B 135 -6.52 -5.98 21.02
CA LEU B 135 -5.29 -6.79 21.23
C LEU B 135 -5.58 -8.22 20.79
N ILE B 136 -4.81 -8.73 19.82
CA ILE B 136 -4.86 -10.14 19.37
C ILE B 136 -3.59 -10.84 19.86
N LYS B 137 -3.73 -11.69 20.88
CA LYS B 137 -2.66 -12.57 21.42
C LYS B 137 -2.54 -13.78 20.50
N GLN B 138 -1.34 -14.38 20.43
CA GLN B 138 -1.09 -15.65 19.70
C GLN B 138 -1.03 -16.77 20.74
N GLU B 139 -2.20 -17.14 21.26
CA GLU B 139 -2.41 -18.22 22.27
C GLU B 139 -3.38 -19.24 21.68
N SER B 140 -3.99 -20.10 22.51
CA SER B 140 -4.76 -21.29 22.06
C SER B 140 -5.99 -20.88 21.24
N ALA B 141 -6.54 -19.68 21.45
CA ALA B 141 -7.75 -19.18 20.76
C ALA B 141 -7.38 -18.44 19.47
N PHE B 142 -6.11 -18.48 19.06
CA PHE B 142 -5.60 -17.93 17.77
C PHE B 142 -5.63 -19.06 16.73
N ALA B 143 -6.65 -19.09 15.89
CA ALA B 143 -6.94 -20.20 14.95
C ALA B 143 -7.18 -19.63 13.55
N PRO B 144 -6.19 -18.94 12.95
CA PRO B 144 -6.41 -18.26 11.68
C PRO B 144 -6.81 -19.24 10.58
N HIS B 145 -6.21 -20.44 10.54
CA HIS B 145 -6.50 -21.47 9.52
C HIS B 145 -7.97 -21.92 9.63
N LEU B 146 -8.48 -22.13 10.85
CA LEU B 146 -9.91 -22.50 11.09
C LEU B 146 -10.82 -21.33 10.72
N GLY B 147 -10.37 -20.10 10.97
CA GLY B 147 -11.05 -18.86 10.57
C GLY B 147 -11.67 -18.13 11.76
N HIS B 148 -11.05 -18.20 12.93
CA HIS B 148 -11.40 -17.33 14.09
C HIS B 148 -10.14 -17.02 14.91
N VAL B 149 -10.09 -15.80 15.45
CA VAL B 149 -9.07 -15.34 16.43
C VAL B 149 -9.79 -14.65 17.58
N GLN B 150 -9.26 -14.81 18.80
CA GLN B 150 -9.73 -14.09 20.01
C GLN B 150 -9.11 -12.70 20.00
N ALA B 151 -9.89 -11.70 20.40
CA ALA B 151 -9.48 -10.27 20.48
C ALA B 151 -9.90 -9.73 21.84
N ASP B 152 -8.93 -9.24 22.63
CA ASP B 152 -9.17 -8.54 23.92
C ASP B 152 -9.49 -7.06 23.65
N ASN B 153 -10.25 -6.45 24.56
CA ASN B 153 -10.62 -5.01 24.56
C ASN B 153 -11.46 -4.70 23.32
N LEU B 154 -12.32 -5.65 22.90
CA LEU B 154 -13.23 -5.53 21.74
C LEU B 154 -14.67 -5.45 22.25
N SER B 155 -15.29 -4.28 22.16
CA SER B 155 -16.60 -3.95 22.80
C SER B 155 -17.72 -3.92 21.76
N ALA B 156 -17.40 -4.02 20.48
CA ALA B 156 -18.36 -4.02 19.34
C ALA B 156 -19.43 -5.08 19.57
N GLY B 157 -20.65 -4.85 19.06
CA GLY B 157 -21.78 -5.80 19.14
C GLY B 157 -21.50 -7.07 18.37
N ALA B 158 -22.06 -8.19 18.82
CA ALA B 158 -22.02 -9.50 18.13
C ALA B 158 -22.42 -9.31 16.66
N ASN B 159 -21.69 -9.96 15.75
CA ASN B 159 -21.98 -10.03 14.29
C ASN B 159 -21.63 -8.71 13.58
N THR B 160 -21.05 -7.73 14.28
CA THR B 160 -20.55 -6.47 13.66
C THR B 160 -19.41 -6.82 12.70
N ASP B 161 -19.47 -6.32 11.47
CA ASP B 161 -18.41 -6.53 10.45
C ASP B 161 -17.34 -5.46 10.69
N LEU B 162 -16.09 -5.89 10.92
CA LEU B 162 -14.94 -5.00 11.23
C LEU B 162 -13.81 -5.26 10.23
N ILE B 163 -13.17 -4.19 9.77
CA ILE B 163 -11.89 -4.25 9.01
C ILE B 163 -10.79 -3.72 9.95
N VAL B 164 -9.76 -4.56 10.15
CA VAL B 164 -8.74 -4.29 11.18
C VAL B 164 -7.35 -4.16 10.57
N SER B 165 -6.61 -3.12 10.97
CA SER B 165 -5.22 -2.90 10.49
C SER B 165 -4.24 -3.02 11.66
N LEU B 166 -3.02 -3.51 11.41
CA LEU B 166 -1.97 -3.60 12.46
C LEU B 166 -1.40 -2.23 12.80
N SER B 167 -1.40 -1.88 14.09
CA SER B 167 -0.86 -0.57 14.56
C SER B 167 0.57 -0.74 15.10
N TRP B 168 0.78 -1.73 15.97
CA TRP B 168 2.13 -2.03 16.53
C TRP B 168 2.14 -3.45 17.11
N ILE B 169 3.34 -3.98 17.36
CA ILE B 169 3.53 -5.33 17.95
C ILE B 169 4.42 -5.19 19.19
N SER B 170 4.29 -6.14 20.12
CA SER B 170 4.95 -6.12 21.45
C SER B 170 5.16 -7.55 21.94
N PRO B 171 6.03 -7.77 22.95
CA PRO B 171 6.22 -9.11 23.50
C PRO B 171 4.91 -9.77 23.93
N VAL B 172 4.84 -11.10 23.81
CA VAL B 172 3.66 -11.95 24.12
C VAL B 172 3.15 -11.62 25.53
N SER B 173 1.83 -11.51 25.67
CA SER B 173 1.12 -11.19 26.95
C SER B 173 1.44 -12.23 28.03
N ASP B 174 1.53 -13.52 27.67
CA ASP B 174 1.74 -14.64 28.64
C ASP B 174 3.20 -14.70 29.08
N GLN B 175 4.06 -13.81 28.55
CA GLN B 175 5.42 -13.51 29.07
C GLN B 175 6.39 -14.68 28.84
N HIS B 176 6.06 -15.63 27.96
CA HIS B 176 6.91 -16.81 27.68
C HIS B 176 8.22 -16.37 27.00
N ARG B 177 8.26 -15.16 26.45
CA ARG B 177 9.49 -14.45 25.99
C ARG B 177 9.26 -12.94 26.16
N HIS B 178 10.33 -12.15 26.25
CA HIS B 178 10.28 -10.70 26.61
C HIS B 178 10.78 -9.83 25.45
N ASP B 179 10.99 -10.43 24.27
CA ASP B 179 11.36 -9.70 23.03
C ASP B 179 10.45 -10.16 21.88
N VAL B 180 10.44 -9.42 20.78
CA VAL B 180 9.72 -9.78 19.53
C VAL B 180 10.75 -10.16 18.48
N ASP B 181 10.65 -11.38 17.94
CA ASP B 181 11.43 -11.87 16.78
C ASP B 181 10.52 -11.82 15.55
N PRO B 182 10.69 -10.82 14.64
CA PRO B 182 9.83 -10.70 13.47
C PRO B 182 10.20 -11.68 12.34
N TRP B 183 11.22 -12.50 12.57
CA TRP B 183 11.72 -13.52 11.62
C TRP B 183 10.86 -14.79 11.68
N VAL B 184 10.04 -14.88 12.73
CA VAL B 184 9.18 -16.07 12.95
C VAL B 184 7.76 -15.83 12.44
N ILE B 185 7.10 -16.89 11.99
CA ILE B 185 5.73 -16.80 11.43
C ILE B 185 4.75 -17.38 12.45
N PRO B 186 3.45 -17.03 12.38
CA PRO B 186 2.50 -17.50 13.33
C PRO B 186 2.20 -18.99 13.15
N ARG B 187 1.65 -19.58 14.18
CA ARG B 187 1.19 -20.98 14.06
C ARG B 187 -0.22 -20.85 13.49
N TYR B 188 -0.41 -21.28 12.25
CA TYR B 188 -1.72 -21.13 11.58
C TYR B 188 -2.66 -22.24 12.05
N GLY B 189 -2.14 -23.45 12.23
CA GLY B 189 -2.90 -24.61 12.72
C GLY B 189 -2.00 -25.82 12.89
N SER B 190 -2.54 -27.04 12.83
CA SER B 190 -1.69 -28.27 12.86
C SER B 190 -2.26 -29.34 11.93
N GLN B 197 -0.37 -26.05 3.10
CA GLN B 197 -0.84 -24.77 2.49
C GLN B 197 0.27 -23.71 2.56
N LEU B 198 1.14 -23.78 3.57
CA LEU B 198 2.22 -22.78 3.83
C LEU B 198 3.07 -22.64 2.56
N ALA B 199 3.45 -21.42 2.21
CA ALA B 199 4.57 -21.13 1.29
C ALA B 199 5.81 -21.85 1.82
N PRO B 200 6.58 -22.58 0.98
CA PRO B 200 7.63 -23.45 1.48
C PRO B 200 8.78 -22.71 2.13
N PRO B 201 9.61 -23.41 2.94
CA PRO B 201 10.78 -22.81 3.54
C PRO B 201 11.80 -22.40 2.47
N ILE B 202 12.60 -21.37 2.77
CA ILE B 202 13.71 -20.86 1.92
C ILE B 202 15.02 -21.09 2.69
N TYR B 203 16.04 -21.63 2.04
CA TYR B 203 17.39 -21.87 2.63
C TYR B 203 18.43 -21.14 1.78
N PRO B 204 19.52 -20.65 2.41
CA PRO B 204 20.70 -20.22 1.65
C PRO B 204 21.19 -21.43 0.86
N PRO B 205 21.42 -21.31 -0.48
CA PRO B 205 21.68 -22.48 -1.31
C PRO B 205 23.12 -23.03 -1.29
N GLY B 206 24.09 -22.26 -0.78
CA GLY B 206 25.49 -22.68 -0.64
C GLY B 206 26.49 -21.63 -1.10
N PHE B 207 27.77 -21.87 -0.81
CA PHE B 207 28.95 -21.07 -1.27
C PHE B 207 28.85 -19.63 -0.75
N GLY B 208 28.42 -19.48 0.51
CA GLY B 208 28.40 -18.19 1.22
C GLY B 208 27.29 -17.28 0.75
N GLU B 209 26.40 -17.75 -0.13
CA GLU B 209 25.22 -16.96 -0.59
C GLU B 209 24.28 -16.80 0.62
N ALA B 210 23.98 -15.55 0.97
CA ALA B 210 23.10 -15.17 2.10
C ALA B 210 21.80 -14.61 1.54
N ILE B 211 20.65 -14.99 2.13
CA ILE B 211 19.32 -14.43 1.73
C ILE B 211 19.35 -12.93 2.03
N VAL B 212 18.96 -12.09 1.07
CA VAL B 212 18.82 -10.62 1.25
C VAL B 212 17.45 -10.33 1.90
N PHE B 213 17.45 -9.59 3.00
CA PHE B 213 16.23 -9.09 3.69
C PHE B 213 16.11 -7.58 3.44
N PHE B 214 14.96 -7.18 2.89
CA PHE B 214 14.56 -5.77 2.73
C PHE B 214 13.91 -5.35 4.05
N MET B 215 14.51 -4.35 4.70
CA MET B 215 14.14 -3.94 6.07
C MET B 215 13.29 -2.66 5.98
N SER B 216 12.25 -2.58 6.80
CA SER B 216 11.42 -1.37 6.98
C SER B 216 11.29 -1.11 8.47
N ASP B 217 11.28 0.16 8.87
CA ASP B 217 10.97 0.55 10.27
C ASP B 217 9.46 0.33 10.50
N PHE B 218 9.13 -0.11 11.71
CA PHE B 218 7.76 -0.41 12.18
C PHE B 218 7.74 -0.28 13.70
N PRO B 219 6.65 0.21 14.33
CA PRO B 219 6.54 0.23 15.78
C PRO B 219 6.66 -1.26 16.15
N VAL B 220 7.72 -1.58 16.88
CA VAL B 220 7.99 -2.93 17.47
C VAL B 220 8.56 -2.59 18.86
N VAL B 221 7.92 -3.08 19.91
CA VAL B 221 8.41 -2.99 21.32
C VAL B 221 9.37 -4.16 21.55
N SER B 222 10.61 -3.87 21.95
CA SER B 222 11.64 -4.88 22.33
C SER B 222 11.88 -5.85 21.18
N GLY B 223 12.13 -5.32 19.97
CA GLY B 223 12.48 -6.13 18.80
C GLY B 223 13.90 -6.65 18.90
N VAL B 224 14.14 -7.89 18.44
CA VAL B 224 15.51 -8.49 18.40
C VAL B 224 16.40 -7.65 17.48
N ASN B 225 15.85 -7.04 16.44
CA ASN B 225 16.54 -6.07 15.54
C ASN B 225 15.94 -4.67 15.72
N GLY B 226 15.51 -4.34 16.94
CA GLY B 226 14.83 -3.06 17.24
C GLY B 226 13.54 -2.93 16.46
N MET B 227 13.29 -1.73 15.93
CA MET B 227 12.01 -1.35 15.27
C MET B 227 12.07 -1.67 13.77
N ARG B 228 12.51 -2.89 13.41
CA ARG B 228 12.80 -3.30 12.02
C ARG B 228 12.07 -4.60 11.70
N ILE B 229 11.48 -4.69 10.51
CA ILE B 229 10.76 -5.87 9.95
C ILE B 229 11.46 -6.31 8.68
N PRO B 230 11.92 -7.58 8.60
CA PRO B 230 12.50 -8.13 7.37
C PRO B 230 11.43 -8.70 6.44
N CYS B 231 11.65 -8.61 5.13
CA CYS B 231 10.93 -9.40 4.09
C CYS B 231 11.93 -9.79 3.00
N THR B 232 11.52 -10.67 2.08
CA THR B 232 12.38 -11.23 1.02
C THR B 232 12.13 -10.53 -0.33
N LEU B 233 11.05 -9.73 -0.45
CA LEU B 233 10.70 -9.02 -1.70
C LEU B 233 10.00 -7.70 -1.37
N PRO B 234 10.30 -6.60 -2.10
CA PRO B 234 9.43 -5.44 -2.11
C PRO B 234 8.04 -5.81 -2.64
N GLN B 235 6.99 -5.30 -2.01
CA GLN B 235 5.57 -5.59 -2.38
C GLN B 235 5.36 -5.32 -3.88
N GLU B 236 5.97 -4.26 -4.41
CA GLU B 236 5.71 -3.82 -5.80
C GLU B 236 6.35 -4.81 -6.79
N TYR B 237 7.37 -5.56 -6.38
CA TYR B 237 7.95 -6.68 -7.18
C TYR B 237 6.91 -7.79 -7.35
N VAL B 238 6.15 -8.09 -6.29
CA VAL B 238 5.10 -9.13 -6.30
C VAL B 238 4.10 -8.79 -7.41
N ALA B 239 3.51 -7.58 -7.39
CA ALA B 239 2.53 -7.12 -8.40
C ALA B 239 3.16 -7.20 -9.79
N HIS B 240 4.44 -6.85 -9.90
CA HIS B 240 5.16 -6.83 -11.20
C HIS B 240 5.21 -8.26 -11.78
N PHE B 241 5.63 -9.24 -10.99
CA PHE B 241 5.76 -10.66 -11.43
C PHE B 241 4.37 -11.23 -11.74
N VAL B 242 3.37 -10.91 -10.92
CA VAL B 242 1.98 -11.41 -11.15
C VAL B 242 1.47 -10.82 -12.46
N ASN B 243 1.81 -9.56 -12.76
CA ASN B 243 1.44 -8.91 -14.03
C ASN B 243 2.17 -9.59 -15.21
N GLU B 244 3.50 -9.67 -15.16
CA GLU B 244 4.38 -10.05 -16.30
C GLU B 244 4.27 -11.56 -16.60
N GLN B 245 4.33 -12.40 -15.57
CA GLN B 245 4.32 -13.88 -15.70
C GLN B 245 5.35 -14.30 -16.74
N ALA B 246 6.56 -13.74 -16.66
CA ALA B 246 7.68 -14.06 -17.57
C ALA B 246 8.16 -15.47 -17.25
N PRO B 247 8.27 -16.37 -18.25
CA PRO B 247 8.84 -17.69 -18.04
C PRO B 247 10.23 -17.60 -17.40
N THR B 248 10.43 -18.48 -16.41
CA THR B 248 11.75 -18.63 -15.76
C THR B 248 12.63 -19.44 -16.72
N ARG B 249 13.77 -18.90 -17.13
CA ARG B 249 14.58 -19.59 -18.17
C ARG B 249 15.96 -19.99 -17.63
N GLY B 250 16.14 -20.02 -16.32
CA GLY B 250 17.42 -20.46 -15.74
C GLY B 250 17.28 -20.77 -14.25
N GLU B 251 18.38 -21.19 -13.62
CA GLU B 251 18.38 -21.52 -12.17
C GLU B 251 18.37 -20.23 -11.32
N ALA B 252 18.86 -19.12 -11.86
CA ALA B 252 18.87 -17.81 -11.15
C ALA B 252 18.88 -16.66 -12.14
N ALA B 253 18.17 -15.59 -11.81
CA ALA B 253 18.22 -14.27 -12.46
C ALA B 253 19.37 -13.48 -11.85
N LEU B 254 20.45 -13.26 -12.60
CA LEU B 254 21.54 -12.34 -12.19
C LEU B 254 21.01 -10.90 -12.27
N LEU B 255 21.10 -10.17 -11.17
CA LEU B 255 20.71 -8.74 -11.08
C LEU B 255 21.94 -7.90 -10.76
N HIS B 256 22.01 -6.70 -11.32
CA HIS B 256 22.88 -5.60 -10.83
C HIS B 256 22.02 -4.64 -10.01
N TYR B 257 22.52 -4.22 -8.86
CA TYR B 257 21.99 -3.10 -8.05
C TYR B 257 22.69 -1.81 -8.51
N VAL B 258 21.96 -0.95 -9.21
CA VAL B 258 22.54 0.15 -10.02
C VAL B 258 22.09 1.50 -9.45
N ASP B 259 23.03 2.44 -9.32
CA ASP B 259 22.74 3.88 -9.10
C ASP B 259 21.97 4.37 -10.32
N PRO B 260 20.71 4.86 -10.17
CA PRO B 260 19.90 5.24 -11.32
C PRO B 260 20.43 6.50 -12.03
N ASP B 261 21.15 7.36 -11.30
CA ASP B 261 21.82 8.57 -11.84
C ASP B 261 23.11 8.13 -12.57
N THR B 262 24.12 7.72 -11.81
CA THR B 262 25.50 7.39 -12.30
C THR B 262 25.48 6.19 -13.26
N HIS B 263 24.47 5.32 -13.16
CA HIS B 263 24.34 4.05 -13.93
C HIS B 263 25.42 3.04 -13.53
N ARG B 264 26.09 3.26 -12.39
CA ARG B 264 27.21 2.39 -11.93
C ARG B 264 26.64 1.18 -11.18
N ASN B 265 27.12 -0.01 -11.55
CA ASN B 265 26.86 -1.31 -10.84
C ASN B 265 27.42 -1.20 -9.42
N LEU B 266 26.56 -1.28 -8.41
CA LEU B 266 26.96 -1.19 -6.98
C LEU B 266 27.18 -2.59 -6.39
N GLY B 267 26.69 -3.66 -7.04
CA GLY B 267 26.81 -5.04 -6.54
C GLY B 267 25.97 -6.04 -7.30
N GLU B 268 26.38 -7.31 -7.27
CA GLU B 268 25.74 -8.45 -7.98
C GLU B 268 24.85 -9.24 -7.01
N PHE B 269 23.71 -9.71 -7.51
CA PHE B 269 22.72 -10.50 -6.73
C PHE B 269 22.16 -11.61 -7.63
N LYS B 270 21.67 -12.68 -7.03
CA LYS B 270 21.00 -13.76 -7.79
C LYS B 270 19.57 -13.90 -7.23
N MET B 271 18.58 -13.81 -8.11
CA MET B 271 17.18 -13.97 -7.69
C MET B 271 16.73 -15.37 -8.11
N TYR B 272 16.29 -16.16 -7.14
CA TYR B 272 15.92 -17.56 -7.43
C TYR B 272 14.45 -17.69 -7.85
N PRO B 273 14.04 -18.73 -8.63
CA PRO B 273 12.66 -18.85 -9.11
C PRO B 273 11.61 -18.77 -7.98
N GLU B 274 11.98 -19.19 -6.78
CA GLU B 274 11.12 -19.25 -5.56
C GLU B 274 10.86 -17.84 -5.02
N GLY B 275 11.52 -16.82 -5.59
CA GLY B 275 11.18 -15.40 -5.42
C GLY B 275 11.94 -14.76 -4.27
N PHE B 276 13.17 -15.20 -4.02
CA PHE B 276 14.07 -14.57 -3.03
C PHE B 276 15.40 -14.24 -3.71
N MET B 277 16.14 -13.36 -3.07
CA MET B 277 17.44 -12.83 -3.57
C MET B 277 18.55 -13.31 -2.64
N THR B 278 19.74 -13.56 -3.18
CA THR B 278 20.97 -13.78 -2.39
C THR B 278 22.06 -12.83 -2.87
N CYS B 279 23.02 -12.58 -1.99
CA CYS B 279 24.33 -11.97 -2.30
C CYS B 279 25.39 -12.76 -1.53
N VAL B 280 26.65 -12.46 -1.78
CA VAL B 280 27.80 -13.01 -1.01
C VAL B 280 28.48 -11.83 -0.33
N PRO B 281 28.57 -11.80 1.02
CA PRO B 281 29.23 -10.70 1.73
C PRO B 281 30.75 -10.79 1.57
N ASN B 282 31.44 -9.67 1.73
CA ASN B 282 32.92 -9.64 1.71
C ASN B 282 33.42 -10.02 3.10
N SER B 283 34.29 -11.02 3.21
CA SER B 283 34.91 -11.42 4.51
C SER B 283 33.92 -11.50 5.66
N SER B 284 32.81 -12.21 5.47
CA SER B 284 31.75 -12.26 6.52
C SER B 284 31.48 -10.87 7.09
N GLY B 285 31.26 -9.88 6.23
CA GLY B 285 30.87 -8.54 6.69
C GLY B 285 29.37 -8.33 6.62
N SER B 286 28.92 -7.08 6.46
CA SER B 286 27.46 -6.74 6.51
C SER B 286 26.78 -6.90 5.15
N GLY B 287 27.51 -7.29 4.13
CA GLY B 287 26.95 -7.53 2.79
C GLY B 287 26.28 -6.28 2.24
N PRO B 288 24.97 -6.32 1.93
CA PRO B 288 24.29 -5.20 1.26
C PRO B 288 23.94 -4.01 2.18
N GLN B 289 24.25 -4.10 3.48
CA GLN B 289 23.83 -3.11 4.50
C GLN B 289 24.48 -1.75 4.24
N THR B 290 25.69 -1.70 3.67
CA THR B 290 26.47 -0.45 3.45
C THR B 290 26.11 0.17 2.08
N LEU B 291 25.37 -0.53 1.24
CA LEU B 291 24.92 -0.02 -0.07
C LEU B 291 23.91 1.11 0.15
N PRO B 292 23.87 2.14 -0.72
CA PRO B 292 22.82 3.15 -0.66
C PRO B 292 21.47 2.49 -1.01
N ILE B 293 20.39 3.03 -0.44
CA ILE B 293 19.05 2.39 -0.49
C ILE B 293 18.20 3.01 -1.61
N ASN B 294 18.78 3.87 -2.45
CA ASN B 294 18.07 4.55 -3.56
C ASN B 294 18.47 3.93 -4.92
N GLY B 295 19.11 2.75 -4.91
CA GLY B 295 19.49 2.03 -6.13
C GLY B 295 18.32 1.27 -6.73
N VAL B 296 18.47 0.78 -7.95
CA VAL B 296 17.46 -0.05 -8.65
C VAL B 296 18.11 -1.37 -9.03
N PHE B 297 17.39 -2.48 -8.86
CA PHE B 297 17.80 -3.80 -9.38
C PHE B 297 17.45 -3.84 -10.87
N THR B 298 18.36 -4.43 -11.64
CA THR B 298 18.21 -4.57 -13.10
C THR B 298 18.55 -6.01 -13.49
N PHE B 299 17.67 -6.68 -14.23
CA PHE B 299 17.92 -8.04 -14.75
C PHE B 299 19.07 -7.97 -15.77
N VAL B 300 20.09 -8.81 -15.60
CA VAL B 300 21.26 -8.90 -16.51
C VAL B 300 21.08 -10.13 -17.41
N SER B 301 21.01 -11.32 -16.82
CA SER B 301 20.81 -12.59 -17.56
C SER B 301 20.39 -13.72 -16.62
N TRP B 302 19.87 -14.79 -17.22
CA TRP B 302 19.68 -16.11 -16.56
C TRP B 302 21.06 -16.78 -16.43
N VAL B 303 21.41 -17.21 -15.21
CA VAL B 303 22.69 -17.91 -14.91
C VAL B 303 22.37 -19.21 -14.18
N SER B 304 23.34 -20.13 -14.15
CA SER B 304 23.29 -21.40 -13.40
C SER B 304 23.49 -21.11 -11.91
N ARG B 305 23.20 -22.11 -11.08
CA ARG B 305 23.52 -22.12 -9.63
C ARG B 305 25.03 -22.02 -9.42
N PHE B 306 25.83 -22.42 -10.42
CA PHE B 306 27.32 -22.41 -10.38
C PHE B 306 27.87 -20.99 -10.46
N TYR B 307 27.10 -20.00 -10.94
CA TYR B 307 27.58 -18.61 -11.07
C TYR B 307 27.99 -18.10 -9.69
N GLN B 308 29.26 -17.68 -9.54
CA GLN B 308 29.81 -17.18 -8.26
C GLN B 308 29.74 -15.64 -8.26
N LEU B 309 28.89 -15.12 -7.39
CA LEU B 309 28.69 -13.65 -7.28
C LEU B 309 29.94 -12.94 -6.75
N LYS B 310 30.24 -11.78 -7.32
CA LYS B 310 31.32 -10.93 -6.77
C LYS B 310 30.87 -10.52 -5.38
N PRO B 311 31.71 -10.69 -4.34
CA PRO B 311 31.37 -10.25 -2.99
C PRO B 311 30.94 -8.78 -2.90
N VAL B 312 29.91 -8.53 -2.10
CA VAL B 312 29.35 -7.16 -1.94
C VAL B 312 29.61 -6.64 -0.52
N GLY B 313 29.81 -5.34 -0.39
CA GLY B 313 29.93 -4.75 0.94
C GLY B 313 31.33 -4.65 1.53
N THR B 314 31.41 -4.20 2.78
CA THR B 314 32.69 -4.09 3.51
C THR B 314 32.96 -5.39 4.26
N ALA B 315 34.19 -5.61 4.73
CA ALA B 315 34.59 -6.88 5.39
C ALA B 315 34.13 -6.95 6.85
#